data_4YUY
#
_entry.id   4YUY
#
_cell.length_a   44.766
_cell.length_b   94.108
_cell.length_c   68.180
_cell.angle_alpha   90.00
_cell.angle_beta   100.41
_cell.angle_gamma   90.00
#
_symmetry.space_group_name_H-M   'P 1 21 1'
#
loop_
_entity.id
_entity.type
_entity.pdbx_description
1 polymer 'Spermidine synthase, putative'
2 non-polymer "5'-[(S)-(3-AMINOPROPYL)(METHYL)-LAMBDA~4~-SULFANYL]-5'-DEOXYADENOSINE"
3 non-polymer ISOQUINOLIN-1-AMINE
4 water water
#
_entity_poly.entity_id   1
_entity_poly.type   'polypeptide(L)'
_entity_poly.pdbx_seq_one_letter_code
;MAHHHHHHMPGSELISGGWFREENDQWPGQAMSLRVEKVLYDAPTKFQHLTIFESDPKGPWGTVMALDGCIQVTDYDEFV
YHEVLGHTSLCSHPKPERVLIIGGGDGGVLREVLRHGTVEHCDLVDIDGEVMEQSKQHFPQISRSLADPRATVRVGDGLA
FVRQTPDNTYDVVIIDTTDPAGPASKLFGEAFYKDVLRILKPDGICCNQGESIWLDLELIEKMSRFIRETGFASVQYALM
HVPTYPCGSIGTLVCSKKAGVDVTKPLRPVEDMPFAKDLKYYDSEMHKASFALPRFARHINNSE
;
_entity_poly.pdbx_strand_id   A,B
#
loop_
_chem_comp.id
_chem_comp.type
_chem_comp.name
_chem_comp.formula
1SQ non-polymer ISOQUINOLIN-1-AMINE 'C9 H8 N2'
S4M non-polymer 5'-[(S)-(3-AMINOPROPYL)(METHYL)-LAMBDA~4~-SULFANYL]-5'-DEOXYADENOSINE 'C14 H24 N6 O3 S'
#
# COMPACT_ATOMS: atom_id res chain seq x y z
N PRO A 10 13.95 -8.84 -19.26
CA PRO A 10 13.22 -10.09 -18.92
C PRO A 10 12.15 -10.50 -19.94
N GLY A 11 11.96 -11.81 -20.05
CA GLY A 11 10.94 -12.37 -20.95
C GLY A 11 10.25 -13.61 -20.40
N SER A 12 10.22 -14.63 -21.24
CA SER A 12 9.60 -15.90 -20.93
C SER A 12 10.17 -16.62 -19.74
N GLU A 13 11.44 -16.37 -19.41
CA GLU A 13 12.15 -17.12 -18.34
C GLU A 13 11.54 -16.89 -16.96
N LEU A 14 10.83 -15.78 -16.81
CA LEU A 14 10.18 -15.49 -15.57
C LEU A 14 8.97 -16.36 -15.28
N ILE A 15 8.50 -17.23 -16.21
CA ILE A 15 7.45 -18.17 -15.92
C ILE A 15 8.21 -19.48 -15.67
N SER A 16 8.21 -19.95 -14.44
CA SER A 16 9.20 -20.98 -14.00
C SER A 16 8.63 -21.76 -12.86
N GLY A 17 8.60 -23.07 -12.96
CA GLY A 17 7.99 -23.87 -11.90
C GLY A 17 6.53 -23.56 -11.55
N GLY A 18 5.74 -23.08 -12.50
CA GLY A 18 4.31 -22.93 -12.30
C GLY A 18 4.04 -21.57 -11.66
N TRP A 19 5.07 -20.77 -11.57
CA TRP A 19 4.89 -19.36 -11.03
C TRP A 19 5.43 -18.31 -12.01
N PHE A 20 4.83 -17.13 -12.04
CA PHE A 20 5.47 -15.99 -12.67
C PHE A 20 6.22 -15.28 -11.55
N ARG A 21 7.52 -15.12 -11.73
CA ARG A 21 8.36 -14.50 -10.75
C ARG A 21 8.95 -13.19 -11.25
N GLU A 22 8.48 -12.09 -10.65
CA GLU A 22 8.82 -10.77 -11.12
C GLU A 22 10.20 -10.28 -10.66
N GLU A 23 11.26 -10.99 -11.08
CA GLU A 23 12.60 -10.59 -10.77
C GLU A 23 13.09 -9.52 -11.75
N ASN A 24 13.74 -8.48 -11.27
CA ASN A 24 14.10 -7.42 -12.15
C ASN A 24 15.20 -6.64 -11.51
N ASP A 25 16.15 -6.18 -12.31
CA ASP A 25 17.17 -5.37 -11.66
C ASP A 25 16.72 -3.96 -11.29
N GLN A 26 15.46 -3.60 -11.58
CA GLN A 26 14.85 -2.34 -11.09
C GLN A 26 14.44 -2.48 -9.61
N TRP A 27 14.46 -3.68 -9.08
CA TRP A 27 14.16 -3.87 -7.64
C TRP A 27 14.96 -5.11 -7.22
N PRO A 28 16.26 -4.91 -7.05
CA PRO A 28 17.12 -6.00 -6.72
C PRO A 28 16.76 -6.68 -5.39
N GLY A 29 16.96 -7.99 -5.34
CA GLY A 29 16.73 -8.80 -4.12
C GLY A 29 15.31 -9.25 -3.77
N GLN A 30 14.34 -8.85 -4.56
CA GLN A 30 12.91 -9.14 -4.23
C GLN A 30 12.18 -9.53 -5.49
N ALA A 31 11.08 -10.24 -5.32
CA ALA A 31 10.21 -10.63 -6.43
C ALA A 31 8.85 -11.02 -5.95
N MET A 32 7.89 -10.26 -6.41
CA MET A 32 6.54 -10.70 -6.32
C MET A 32 6.29 -11.92 -7.26
N SER A 33 5.54 -12.91 -6.77
CA SER A 33 5.27 -14.10 -7.56
C SER A 33 3.75 -14.36 -7.60
N LEU A 34 3.19 -14.74 -8.76
CA LEU A 34 1.80 -15.20 -8.91
C LEU A 34 1.81 -16.57 -9.54
N ARG A 35 0.93 -17.41 -9.04
CA ARG A 35 0.93 -18.84 -9.47
C ARG A 35 0.23 -18.86 -10.81
N VAL A 36 0.76 -19.64 -11.75
CA VAL A 36 0.22 -19.65 -13.11
C VAL A 36 -0.67 -20.87 -13.33
N GLU A 37 -1.92 -20.71 -13.68
CA GLU A 37 -2.78 -21.86 -14.06
C GLU A 37 -2.55 -22.23 -15.53
N LYS A 38 -2.53 -21.24 -16.39
CA LYS A 38 -2.40 -21.51 -17.82
C LYS A 38 -1.74 -20.27 -18.42
N VAL A 39 -0.70 -20.46 -19.22
CA VAL A 39 -0.15 -19.33 -20.01
C VAL A 39 -1.03 -19.20 -21.26
N LEU A 40 -1.55 -17.98 -21.52
CA LEU A 40 -2.44 -17.77 -22.67
C LEU A 40 -1.69 -17.25 -23.88
N TYR A 41 -0.64 -16.47 -23.62
CA TYR A 41 0.04 -15.72 -24.68
C TYR A 41 1.40 -15.31 -24.15
N ASP A 42 2.43 -15.63 -24.92
CA ASP A 42 3.79 -15.22 -24.54
C ASP A 42 4.57 -15.02 -25.81
N ALA A 43 4.92 -13.76 -26.15
CA ALA A 43 5.47 -13.45 -27.49
C ALA A 43 6.28 -12.15 -27.43
N PRO A 44 7.33 -12.03 -28.22
CA PRO A 44 7.91 -10.70 -28.51
C PRO A 44 6.98 -9.87 -29.36
N THR A 45 6.83 -8.58 -29.02
CA THR A 45 6.15 -7.67 -29.90
C THR A 45 7.22 -6.91 -30.66
N LYS A 46 6.84 -5.84 -31.36
CA LYS A 46 7.88 -5.05 -32.01
C LYS A 46 8.73 -4.29 -31.02
N PHE A 47 8.26 -4.18 -29.74
CA PHE A 47 8.96 -3.37 -28.77
C PHE A 47 9.25 -4.03 -27.42
N GLN A 48 8.44 -5.01 -26.98
CA GLN A 48 8.49 -5.52 -25.60
C GLN A 48 8.24 -6.96 -25.59
N HIS A 49 8.50 -7.61 -24.46
CA HIS A 49 8.06 -8.99 -24.35
C HIS A 49 6.75 -8.98 -23.62
N LEU A 50 5.76 -9.67 -24.18
CA LEU A 50 4.42 -9.56 -23.59
C LEU A 50 3.95 -10.96 -23.17
N THR A 51 3.52 -11.09 -21.93
CA THR A 51 3.09 -12.36 -21.36
C THR A 51 1.74 -12.22 -20.70
N ILE A 52 0.81 -13.10 -21.03
CA ILE A 52 -0.54 -13.05 -20.48
C ILE A 52 -0.85 -14.42 -19.98
N PHE A 53 -1.29 -14.49 -18.72
CA PHE A 53 -1.63 -15.81 -18.17
C PHE A 53 -2.81 -15.78 -17.26
N GLU A 54 -3.52 -16.91 -17.13
CA GLU A 54 -4.54 -17.08 -16.11
C GLU A 54 -3.89 -17.54 -14.77
N SER A 55 -4.12 -16.82 -13.69
CA SER A 55 -3.50 -17.18 -12.39
C SER A 55 -4.31 -18.28 -11.75
N ASP A 56 -3.85 -18.80 -10.64
CA ASP A 56 -4.51 -19.87 -9.87
C ASP A 56 -5.92 -19.50 -9.48
N PRO A 57 -6.90 -20.32 -9.87
CA PRO A 57 -8.30 -19.99 -9.67
C PRO A 57 -8.58 -20.08 -8.18
N LYS A 58 -7.66 -20.64 -7.41
CA LYS A 58 -7.81 -20.62 -5.93
C LYS A 58 -7.49 -19.25 -5.32
N GLY A 59 -6.84 -18.41 -6.11
CA GLY A 59 -6.55 -17.06 -5.63
C GLY A 59 -7.38 -16.09 -6.44
N PRO A 60 -7.25 -14.80 -6.07
CA PRO A 60 -8.22 -13.88 -6.60
C PRO A 60 -7.80 -13.10 -7.86
N TRP A 61 -6.58 -13.36 -8.35
CA TRP A 61 -5.95 -12.38 -9.30
C TRP A 61 -6.53 -12.40 -10.72
N GLY A 62 -7.11 -13.55 -11.11
CA GLY A 62 -7.60 -13.62 -12.48
C GLY A 62 -6.51 -13.61 -13.54
N THR A 63 -6.82 -12.94 -14.66
CA THR A 63 -5.89 -12.82 -15.76
C THR A 63 -4.84 -11.77 -15.43
N VAL A 64 -3.64 -12.08 -15.83
CA VAL A 64 -2.47 -11.19 -15.56
C VAL A 64 -1.71 -10.87 -16.85
N MET A 65 -1.25 -9.63 -17.01
CA MET A 65 -0.47 -9.18 -18.19
C MET A 65 0.85 -8.64 -17.65
N ALA A 66 1.98 -9.08 -18.24
CA ALA A 66 3.28 -8.48 -17.97
C ALA A 66 3.92 -7.96 -19.25
N LEU A 67 4.71 -6.92 -19.12
CA LEU A 67 5.51 -6.32 -20.24
C LEU A 67 6.97 -6.23 -19.79
N ASP A 68 7.84 -6.94 -20.52
CA ASP A 68 9.30 -7.00 -20.19
C ASP A 68 9.49 -7.50 -18.74
N GLY A 69 8.67 -8.46 -18.35
CA GLY A 69 8.75 -9.09 -17.06
C GLY A 69 8.09 -8.36 -15.92
N CYS A 70 7.46 -7.24 -16.23
CA CYS A 70 6.82 -6.41 -15.16
C CYS A 70 5.30 -6.53 -15.31
N ILE A 71 4.67 -6.89 -14.18
CA ILE A 71 3.26 -7.06 -14.12
C ILE A 71 2.64 -5.70 -14.37
N GLN A 72 1.65 -5.67 -15.28
CA GLN A 72 1.01 -4.43 -15.70
C GLN A 72 -0.37 -4.30 -15.22
N VAL A 73 -1.14 -5.36 -15.39
CA VAL A 73 -2.51 -5.39 -14.90
C VAL A 73 -2.88 -6.78 -14.40
N THR A 74 -3.79 -6.86 -13.45
CA THR A 74 -4.50 -8.08 -13.11
C THR A 74 -5.94 -7.77 -13.09
N ASP A 75 -6.79 -8.77 -13.35
CA ASP A 75 -8.22 -8.51 -13.26
C ASP A 75 -8.66 -7.92 -11.91
N TYR A 76 -8.02 -8.42 -10.87
CA TYR A 76 -8.42 -8.17 -9.48
C TYR A 76 -8.18 -6.80 -8.98
N ASP A 77 -7.01 -6.23 -9.29
CA ASP A 77 -6.71 -4.93 -8.71
C ASP A 77 -6.59 -3.80 -9.77
N GLU A 78 -6.87 -4.05 -11.02
CA GLU A 78 -6.61 -2.99 -12.06
C GLU A 78 -7.33 -1.69 -11.81
N PHE A 79 -8.45 -1.79 -11.14
CA PHE A 79 -9.30 -0.59 -10.94
C PHE A 79 -8.60 0.48 -10.21
N VAL A 80 -7.71 0.10 -9.30
CA VAL A 80 -7.11 1.12 -8.39
C VAL A 80 -6.38 2.24 -9.19
N TYR A 81 -5.39 1.81 -9.92
CA TYR A 81 -4.53 2.77 -10.66
C TYR A 81 -5.34 3.46 -11.79
N HIS A 82 -6.24 2.74 -12.49
CA HIS A 82 -7.03 3.35 -13.57
C HIS A 82 -7.95 4.42 -12.99
N GLU A 83 -8.57 4.13 -11.83
CA GLU A 83 -9.48 5.18 -11.26
C GLU A 83 -8.69 6.31 -10.72
N VAL A 84 -7.58 6.03 -10.04
CA VAL A 84 -6.77 7.13 -9.45
C VAL A 84 -6.27 8.07 -10.57
N LEU A 85 -5.60 7.54 -11.57
CA LEU A 85 -5.06 8.45 -12.65
C LEU A 85 -6.24 9.15 -13.36
N GLY A 86 -7.30 8.45 -13.71
CA GLY A 86 -8.35 9.13 -14.49
C GLY A 86 -9.10 10.15 -13.64
N HIS A 87 -9.50 9.78 -12.43
CA HIS A 87 -10.34 10.75 -11.70
C HIS A 87 -9.55 11.75 -10.91
N THR A 88 -8.38 11.41 -10.35
CA THR A 88 -7.63 12.45 -9.63
C THR A 88 -7.34 13.60 -10.56
N SER A 89 -6.95 13.29 -11.77
CA SER A 89 -6.62 14.35 -12.76
C SER A 89 -7.92 15.05 -13.29
N LEU A 90 -8.94 14.33 -13.82
CA LEU A 90 -10.07 15.08 -14.32
C LEU A 90 -10.85 15.78 -13.23
N CYS A 91 -10.94 15.19 -12.00
CA CYS A 91 -11.69 15.96 -10.95
C CYS A 91 -10.88 17.15 -10.44
N SER A 92 -9.68 17.32 -10.88
CA SER A 92 -8.84 18.48 -10.52
C SER A 92 -8.95 19.62 -11.56
N HIS A 93 -9.68 19.32 -12.63
CA HIS A 93 -9.78 20.21 -13.83
C HIS A 93 -11.14 20.86 -13.91
N PRO A 94 -11.21 22.18 -14.27
CA PRO A 94 -12.52 22.79 -14.16
C PRO A 94 -13.52 22.33 -15.25
N LYS A 95 -13.02 21.88 -16.42
CA LYS A 95 -13.86 21.41 -17.50
C LYS A 95 -13.01 20.65 -18.51
N PRO A 96 -12.74 19.43 -18.21
CA PRO A 96 -11.82 18.70 -19.07
C PRO A 96 -12.55 18.11 -20.30
N GLU A 97 -12.27 18.70 -21.43
CA GLU A 97 -12.95 18.31 -22.69
C GLU A 97 -12.03 17.58 -23.63
N ARG A 98 -10.72 17.93 -23.61
CA ARG A 98 -9.81 17.23 -24.56
C ARG A 98 -8.70 16.62 -23.73
N VAL A 99 -8.49 15.30 -23.89
CA VAL A 99 -7.59 14.57 -22.99
C VAL A 99 -6.66 13.73 -23.86
N LEU A 100 -5.42 13.67 -23.40
CA LEU A 100 -4.40 12.81 -24.07
C LEU A 100 -3.98 11.79 -23.07
N ILE A 101 -3.87 10.53 -23.54
CA ILE A 101 -3.26 9.46 -22.77
C ILE A 101 -2.06 9.02 -23.56
N ILE A 102 -0.89 9.06 -22.89
CA ILE A 102 0.33 8.53 -23.51
C ILE A 102 0.52 7.20 -22.85
N GLY A 103 0.75 6.17 -23.67
CA GLY A 103 0.72 4.81 -23.11
C GLY A 103 -0.73 4.30 -23.02
N GLY A 104 -1.02 3.56 -21.94
CA GLY A 104 -2.44 3.25 -21.76
C GLY A 104 -3.08 2.30 -22.68
N GLY A 105 -2.28 1.44 -23.33
CA GLY A 105 -2.83 0.68 -24.46
C GLY A 105 -3.80 -0.39 -24.00
N ASP A 106 -3.79 -0.75 -22.68
CA ASP A 106 -4.79 -1.71 -22.13
C ASP A 106 -6.18 -1.11 -22.14
N GLY A 107 -6.31 0.23 -22.11
CA GLY A 107 -7.63 0.85 -22.17
C GLY A 107 -8.16 1.26 -20.78
N GLY A 108 -7.48 0.93 -19.71
CA GLY A 108 -8.08 1.15 -18.33
C GLY A 108 -8.23 2.60 -17.96
N VAL A 109 -7.14 3.40 -18.14
CA VAL A 109 -7.28 4.85 -17.86
C VAL A 109 -8.37 5.45 -18.83
N LEU A 110 -8.36 5.07 -20.11
CA LEU A 110 -9.36 5.57 -21.03
C LEU A 110 -10.82 5.25 -20.61
N ARG A 111 -11.04 4.02 -20.10
CA ARG A 111 -12.36 3.64 -19.55
C ARG A 111 -12.79 4.66 -18.50
N GLU A 112 -11.83 5.01 -17.64
CA GLU A 112 -12.23 5.96 -16.56
C GLU A 112 -12.45 7.35 -17.03
N VAL A 113 -11.53 7.90 -17.84
CA VAL A 113 -11.68 9.20 -18.46
C VAL A 113 -13.06 9.30 -19.14
N LEU A 114 -13.47 8.27 -19.86
CA LEU A 114 -14.66 8.35 -20.67
C LEU A 114 -15.91 8.25 -19.82
N ARG A 115 -15.78 7.99 -18.52
CA ARG A 115 -16.96 8.16 -17.64
C ARG A 115 -17.44 9.62 -17.56
N HIS A 116 -16.50 10.55 -17.72
CA HIS A 116 -16.79 11.98 -17.50
C HIS A 116 -17.58 12.54 -18.69
N GLY A 117 -18.77 13.12 -18.40
CA GLY A 117 -19.58 13.72 -19.46
C GLY A 117 -18.95 14.96 -20.05
N THR A 118 -18.03 15.63 -19.39
CA THR A 118 -17.31 16.78 -20.05
C THR A 118 -16.43 16.36 -21.20
N VAL A 119 -15.95 15.11 -21.31
CA VAL A 119 -14.95 14.79 -22.32
C VAL A 119 -15.60 14.73 -23.72
N GLU A 120 -15.03 15.53 -24.61
CA GLU A 120 -15.41 15.55 -25.98
C GLU A 120 -14.57 14.61 -26.80
N HIS A 121 -13.28 14.56 -26.48
CA HIS A 121 -12.34 13.74 -27.26
C HIS A 121 -11.19 13.33 -26.38
N CYS A 122 -10.67 12.14 -26.65
CA CYS A 122 -9.49 11.72 -26.06
C CYS A 122 -8.61 11.03 -27.08
N ASP A 123 -7.31 11.42 -27.11
CA ASP A 123 -6.35 10.72 -27.95
C ASP A 123 -5.60 9.80 -27.10
N LEU A 124 -5.30 8.60 -27.60
CA LEU A 124 -4.51 7.67 -26.81
C LEU A 124 -3.38 7.18 -27.71
N VAL A 125 -2.11 7.30 -27.26
CA VAL A 125 -1.04 6.98 -28.13
C VAL A 125 -0.14 6.01 -27.41
N ASP A 126 -0.04 4.78 -27.90
CA ASP A 126 0.78 3.82 -27.26
C ASP A 126 1.69 3.18 -28.27
N ILE A 127 2.97 3.00 -27.90
CA ILE A 127 4.01 2.58 -28.87
C ILE A 127 3.76 1.19 -29.40
N ASP A 128 3.08 0.38 -28.61
CA ASP A 128 3.04 -1.04 -28.87
C ASP A 128 1.61 -1.43 -29.18
N GLY A 129 1.32 -1.59 -30.48
CA GLY A 129 -0.02 -1.98 -30.89
C GLY A 129 -0.46 -3.35 -30.45
N GLU A 130 0.46 -4.22 -30.03
CA GLU A 130 0.05 -5.50 -29.57
C GLU A 130 -0.60 -5.50 -28.26
N VAL A 131 -0.32 -4.45 -27.50
CA VAL A 131 -0.92 -4.32 -26.16
C VAL A 131 -2.40 -4.07 -26.37
N MET A 132 -2.73 -3.19 -27.28
CA MET A 132 -4.18 -2.98 -27.58
C MET A 132 -4.81 -4.26 -28.03
N GLU A 133 -4.10 -4.98 -28.94
CA GLU A 133 -4.72 -6.20 -29.52
C GLU A 133 -4.95 -7.26 -28.42
N GLN A 134 -3.95 -7.48 -27.55
CA GLN A 134 -4.09 -8.55 -26.58
C GLN A 134 -5.01 -8.10 -25.46
N SER A 135 -5.07 -6.79 -25.21
CA SER A 135 -6.07 -6.32 -24.23
C SER A 135 -7.49 -6.51 -24.67
N LYS A 136 -7.72 -6.28 -25.98
CA LYS A 136 -9.06 -6.59 -26.55
C LYS A 136 -9.40 -8.07 -26.33
N GLN A 137 -8.40 -8.94 -26.52
CA GLN A 137 -8.73 -10.35 -26.51
C GLN A 137 -8.89 -10.88 -25.11
N HIS A 138 -8.04 -10.40 -24.21
CA HIS A 138 -7.90 -11.09 -22.90
C HIS A 138 -8.36 -10.30 -21.71
N PHE A 139 -8.66 -9.03 -21.93
CA PHE A 139 -9.11 -8.10 -20.87
C PHE A 139 -10.21 -7.24 -21.24
N PRO A 140 -11.34 -7.85 -21.69
CA PRO A 140 -12.39 -7.07 -22.35
C PRO A 140 -12.96 -6.01 -21.42
N GLN A 141 -12.93 -6.24 -20.11
CA GLN A 141 -13.54 -5.23 -19.19
C GLN A 141 -12.61 -4.03 -19.04
N ILE A 142 -11.36 -4.21 -19.43
CA ILE A 142 -10.40 -3.11 -19.33
C ILE A 142 -10.37 -2.36 -20.68
N SER A 143 -10.46 -3.11 -21.79
CA SER A 143 -10.27 -2.55 -23.15
C SER A 143 -11.54 -2.19 -23.90
N ARG A 144 -12.71 -2.31 -23.26
CA ARG A 144 -13.95 -1.99 -24.01
C ARG A 144 -13.85 -0.55 -24.59
N SER A 145 -13.26 0.31 -23.75
CA SER A 145 -13.18 1.71 -24.04
C SER A 145 -12.45 2.06 -25.37
N LEU A 146 -11.59 1.15 -25.91
CA LEU A 146 -10.77 1.49 -27.01
C LEU A 146 -11.51 1.78 -28.28
N ALA A 147 -12.72 1.19 -28.38
CA ALA A 147 -13.56 1.40 -29.54
C ALA A 147 -14.47 2.62 -29.55
N ASP A 148 -14.44 3.37 -28.47
CA ASP A 148 -15.39 4.46 -28.31
C ASP A 148 -15.08 5.56 -29.32
N PRO A 149 -16.11 6.18 -29.92
CA PRO A 149 -15.90 7.20 -30.95
C PRO A 149 -15.37 8.55 -30.38
N ARG A 150 -15.39 8.74 -29.04
CA ARG A 150 -14.72 9.85 -28.46
C ARG A 150 -13.26 9.64 -28.42
N ALA A 151 -12.79 8.44 -28.71
CA ALA A 151 -11.33 8.22 -28.69
C ALA A 151 -10.71 8.04 -30.02
N THR A 152 -9.46 8.56 -30.18
CA THR A 152 -8.70 8.18 -31.33
C THR A 152 -7.48 7.47 -30.80
N VAL A 153 -7.35 6.22 -31.21
CA VAL A 153 -6.32 5.34 -30.64
C VAL A 153 -5.29 5.16 -31.74
N ARG A 154 -4.05 5.54 -31.39
CA ARG A 154 -2.92 5.51 -32.28
C ARG A 154 -1.80 4.65 -31.73
N VAL A 155 -1.11 3.97 -32.68
CA VAL A 155 0.08 3.22 -32.35
C VAL A 155 1.29 4.12 -32.73
N GLY A 156 2.07 4.53 -31.74
CA GLY A 156 3.23 5.34 -31.95
C GLY A 156 3.90 5.76 -30.67
N ASP A 157 5.14 6.26 -30.84
CA ASP A 157 5.85 6.70 -29.69
C ASP A 157 5.31 8.05 -29.12
N GLY A 158 5.11 8.12 -27.81
CA GLY A 158 4.51 9.33 -27.15
C GLY A 158 5.37 10.56 -27.34
N LEU A 159 6.67 10.38 -27.39
CA LEU A 159 7.58 11.55 -27.46
C LEU A 159 7.45 12.20 -28.81
N ALA A 160 7.45 11.42 -29.86
CA ALA A 160 7.26 11.97 -31.23
C ALA A 160 5.88 12.57 -31.34
N PHE A 161 4.90 11.91 -30.72
CA PHE A 161 3.49 12.43 -30.85
C PHE A 161 3.39 13.83 -30.26
N VAL A 162 3.93 14.03 -29.06
CA VAL A 162 3.80 15.36 -28.38
C VAL A 162 4.61 16.39 -29.16
N ARG A 163 5.75 15.96 -29.73
CA ARG A 163 6.52 16.90 -30.61
C ARG A 163 5.84 17.39 -31.89
N GLN A 164 4.74 16.75 -32.33
CA GLN A 164 3.98 17.14 -33.51
C GLN A 164 2.67 17.82 -33.10
N THR A 165 2.41 17.89 -31.76
CA THR A 165 1.12 18.40 -31.22
C THR A 165 1.19 19.94 -31.02
N PRO A 166 0.13 20.67 -31.44
CA PRO A 166 0.05 22.14 -31.18
C PRO A 166 0.18 22.49 -29.72
N ASP A 167 0.64 23.73 -29.50
CA ASP A 167 0.42 24.37 -28.22
C ASP A 167 -1.06 24.32 -27.85
N ASN A 168 -1.30 24.20 -26.53
CA ASN A 168 -2.64 24.45 -25.98
C ASN A 168 -3.72 23.48 -26.54
N THR A 169 -3.33 22.23 -26.81
CA THR A 169 -4.23 21.25 -27.37
C THR A 169 -5.15 20.60 -26.32
N TYR A 170 -4.57 20.24 -25.16
CA TYR A 170 -5.23 19.35 -24.17
C TYR A 170 -5.52 20.03 -22.84
N ASP A 171 -6.67 19.68 -22.28
CA ASP A 171 -6.95 19.99 -20.89
C ASP A 171 -6.26 19.06 -19.88
N VAL A 172 -6.06 17.77 -20.19
CA VAL A 172 -5.43 16.85 -19.32
C VAL A 172 -4.54 15.97 -20.15
N VAL A 173 -3.34 15.65 -19.62
CA VAL A 173 -2.43 14.64 -20.24
C VAL A 173 -2.17 13.65 -19.12
N ILE A 174 -2.38 12.36 -19.43
CA ILE A 174 -2.14 11.25 -18.45
C ILE A 174 -1.09 10.37 -19.07
N ILE A 175 0.04 10.23 -18.37
CA ILE A 175 1.19 9.52 -18.90
C ILE A 175 1.26 8.15 -18.27
N ASP A 176 0.62 7.18 -18.91
CA ASP A 176 0.40 5.85 -18.24
C ASP A 176 1.38 4.87 -18.88
N THR A 177 2.60 4.88 -18.35
CA THR A 177 3.69 4.17 -19.01
C THR A 177 4.18 3.02 -18.22
N THR A 178 4.92 2.16 -18.92
CA THR A 178 5.75 1.17 -18.26
C THR A 178 6.88 1.89 -17.46
N ASP A 179 7.62 1.10 -16.72
CA ASP A 179 8.81 1.66 -16.00
C ASP A 179 9.88 2.17 -16.94
N PRO A 180 10.85 2.95 -16.44
CA PRO A 180 11.88 3.55 -17.23
C PRO A 180 12.77 2.61 -18.06
N ALA A 181 12.92 1.37 -17.67
CA ALA A 181 13.73 0.43 -18.50
C ALA A 181 12.81 -0.05 -19.62
N GLY A 182 13.19 0.28 -20.85
CA GLY A 182 12.40 -0.09 -22.02
C GLY A 182 12.00 1.16 -22.77
N PRO A 183 10.94 1.02 -23.56
CA PRO A 183 10.60 2.04 -24.58
C PRO A 183 10.08 3.29 -23.90
N ALA A 184 9.74 3.22 -22.60
CA ALA A 184 9.28 4.47 -21.93
C ALA A 184 10.40 5.34 -21.39
N SER A 185 11.62 4.92 -21.61
CA SER A 185 12.75 5.66 -20.96
C SER A 185 12.66 7.21 -21.08
N LYS A 186 12.44 7.72 -22.30
CA LYS A 186 12.47 9.20 -22.45
C LYS A 186 11.24 9.86 -21.93
N LEU A 187 10.24 9.04 -21.60
CA LEU A 187 8.98 9.63 -21.04
C LEU A 187 9.08 9.92 -19.53
N PHE A 188 10.27 9.65 -18.97
CA PHE A 188 10.63 10.06 -17.57
C PHE A 188 11.62 11.23 -17.55
N GLY A 189 11.92 11.74 -18.75
CA GLY A 189 12.86 12.87 -18.93
C GLY A 189 12.30 14.26 -19.11
N GLU A 190 13.11 15.26 -18.76
CA GLU A 190 12.74 16.65 -18.81
C GLU A 190 12.29 17.12 -20.22
N ALA A 191 12.92 16.63 -21.28
CA ALA A 191 12.64 17.18 -22.63
C ALA A 191 11.17 16.85 -22.98
N PHE A 192 10.73 15.65 -22.56
CA PHE A 192 9.32 15.23 -22.78
C PHE A 192 8.40 16.13 -21.97
N TYR A 193 8.72 16.30 -20.67
CA TYR A 193 7.87 17.18 -19.81
C TYR A 193 7.77 18.62 -20.34
N LYS A 194 8.86 19.14 -20.93
CA LYS A 194 8.73 20.49 -21.50
C LYS A 194 7.65 20.53 -22.60
N ASP A 195 7.62 19.49 -23.44
CA ASP A 195 6.54 19.35 -24.41
C ASP A 195 5.19 19.15 -23.80
N VAL A 196 5.09 18.35 -22.72
CA VAL A 196 3.77 18.16 -22.08
C VAL A 196 3.27 19.54 -21.58
N LEU A 197 4.16 20.35 -20.94
CA LEU A 197 3.74 21.67 -20.50
C LEU A 197 3.18 22.54 -21.69
N ARG A 198 3.85 22.42 -22.82
CA ARG A 198 3.54 23.23 -23.98
C ARG A 198 2.16 22.83 -24.55
N ILE A 199 1.92 21.53 -24.63
CA ILE A 199 0.65 21.11 -25.31
C ILE A 199 -0.56 21.20 -24.41
N LEU A 200 -0.36 21.43 -23.12
CA LEU A 200 -1.46 21.77 -22.21
C LEU A 200 -1.96 23.18 -22.36
N LYS A 201 -3.26 23.30 -22.21
CA LYS A 201 -3.90 24.62 -22.14
C LYS A 201 -3.58 25.29 -20.83
N PRO A 202 -3.99 26.58 -20.69
CA PRO A 202 -3.49 27.29 -19.48
C PRO A 202 -3.93 26.73 -18.15
N ASP A 203 -5.12 26.14 -18.09
CA ASP A 203 -5.59 25.46 -16.90
C ASP A 203 -5.30 23.97 -16.90
N GLY A 204 -4.35 23.55 -17.73
CA GLY A 204 -4.04 22.11 -17.89
C GLY A 204 -3.59 21.39 -16.64
N ILE A 205 -3.83 20.06 -16.64
CA ILE A 205 -3.36 19.16 -15.53
C ILE A 205 -2.69 17.98 -16.19
N CYS A 206 -1.57 17.54 -15.69
CA CYS A 206 -1.06 16.24 -16.17
C CYS A 206 -0.84 15.32 -14.97
N CYS A 207 -0.77 14.04 -15.21
CA CYS A 207 -0.35 13.11 -14.18
C CYS A 207 0.35 11.94 -14.83
N ASN A 208 1.07 11.13 -14.06
CA ASN A 208 1.86 10.06 -14.69
C ASN A 208 1.88 8.78 -13.87
N GLN A 209 2.68 7.83 -14.39
CA GLN A 209 3.00 6.65 -13.63
C GLN A 209 4.27 7.05 -12.89
N GLY A 210 4.11 7.28 -11.59
CA GLY A 210 5.16 7.95 -10.81
C GLY A 210 6.00 7.09 -9.87
N GLU A 211 5.94 5.79 -10.05
CA GLU A 211 6.91 4.88 -9.45
C GLU A 211 6.65 4.76 -7.93
N SER A 212 7.63 4.24 -7.22
CA SER A 212 7.48 3.79 -5.85
C SER A 212 8.30 4.65 -4.88
N ILE A 213 7.67 5.14 -3.81
CA ILE A 213 8.48 5.83 -2.80
C ILE A 213 9.43 4.92 -2.04
N TRP A 214 9.30 3.58 -2.17
CA TRP A 214 10.18 2.62 -1.50
C TRP A 214 11.38 2.32 -2.34
N LEU A 215 11.25 2.43 -3.66
CA LEU A 215 12.35 1.94 -4.55
C LEU A 215 12.91 3.06 -5.41
N ASP A 216 12.15 4.13 -5.63
CA ASP A 216 12.50 5.07 -6.72
C ASP A 216 12.40 6.51 -6.15
N LEU A 217 12.63 6.67 -4.83
CA LEU A 217 12.43 8.00 -4.24
C LEU A 217 13.39 9.02 -4.89
N GLU A 218 14.58 8.55 -5.24
CA GLU A 218 15.52 9.52 -5.90
C GLU A 218 15.02 10.08 -7.28
N LEU A 219 14.45 9.21 -8.12
CA LEU A 219 13.90 9.54 -9.42
C LEU A 219 12.65 10.47 -9.22
N ILE A 220 11.80 10.14 -8.22
CA ILE A 220 10.63 10.97 -7.93
C ILE A 220 11.04 12.38 -7.49
N GLU A 221 12.10 12.49 -6.65
CA GLU A 221 12.71 13.81 -6.31
C GLU A 221 13.20 14.57 -7.53
N LYS A 222 13.94 13.86 -8.39
CA LYS A 222 14.53 14.47 -9.58
C LYS A 222 13.42 14.92 -10.53
N MET A 223 12.42 14.06 -10.73
CA MET A 223 11.32 14.44 -11.58
C MET A 223 10.51 15.61 -11.06
N SER A 224 10.10 15.53 -9.80
CA SER A 224 9.30 16.63 -9.27
C SER A 224 10.03 17.95 -9.42
N ARG A 225 11.34 17.93 -9.20
CA ARG A 225 12.17 19.15 -9.39
C ARG A 225 12.21 19.67 -10.80
N PHE A 226 12.54 18.80 -11.75
CA PHE A 226 12.56 19.30 -13.12
C PHE A 226 11.19 19.67 -13.70
N ILE A 227 10.11 19.01 -13.25
CA ILE A 227 8.82 19.34 -13.72
C ILE A 227 8.45 20.78 -13.24
N ARG A 228 8.68 21.08 -11.99
CA ARG A 228 8.54 22.46 -11.50
C ARG A 228 9.46 23.42 -12.30
N GLU A 229 10.74 23.04 -12.48
CA GLU A 229 11.74 23.93 -13.14
C GLU A 229 11.38 24.21 -14.60
N THR A 230 10.78 23.23 -15.28
CA THR A 230 10.29 23.44 -16.67
C THR A 230 9.13 24.44 -16.78
N GLY A 231 8.45 24.70 -15.70
CA GLY A 231 7.38 25.72 -15.66
C GLY A 231 6.03 25.33 -15.16
N PHE A 232 5.85 24.07 -14.74
CA PHE A 232 4.62 23.76 -14.01
C PHE A 232 4.60 24.48 -12.69
N ALA A 233 3.43 25.00 -12.41
CA ALA A 233 3.24 25.83 -11.26
C ALA A 233 3.27 25.03 -9.95
N SER A 234 2.87 23.76 -10.02
CA SER A 234 2.84 22.94 -8.79
C SER A 234 2.86 21.46 -9.20
N VAL A 235 3.37 20.63 -8.32
CA VAL A 235 3.54 19.19 -8.60
C VAL A 235 3.30 18.55 -7.25
N GLN A 236 2.29 17.69 -7.14
CA GLN A 236 2.02 16.95 -5.89
C GLN A 236 1.94 15.46 -6.20
N TYR A 237 2.60 14.63 -5.38
CA TYR A 237 2.57 13.20 -5.58
C TYR A 237 1.42 12.54 -4.79
N ALA A 238 0.61 11.73 -5.50
CA ALA A 238 -0.54 10.96 -4.84
C ALA A 238 -0.18 9.48 -4.79
N LEU A 239 -0.30 8.90 -3.57
CA LEU A 239 0.09 7.53 -3.35
C LEU A 239 -1.17 6.66 -3.41
N MET A 240 -1.03 5.43 -3.90
CA MET A 240 -2.20 4.59 -3.93
C MET A 240 -1.79 3.14 -3.67
N HIS A 241 -2.79 2.35 -3.32
CA HIS A 241 -2.50 0.97 -2.89
C HIS A 241 -2.71 0.04 -4.13
N VAL A 242 -1.63 -0.58 -4.56
CA VAL A 242 -1.70 -1.49 -5.76
C VAL A 242 -0.85 -2.70 -5.46
N PRO A 243 -1.51 -3.79 -5.05
CA PRO A 243 -0.75 -5.01 -4.59
C PRO A 243 0.22 -5.55 -5.61
N THR A 244 -0.09 -5.38 -6.90
CA THR A 244 0.74 -6.02 -7.91
C THR A 244 1.71 -5.01 -8.60
N TYR A 245 2.03 -3.89 -7.94
CA TYR A 245 3.17 -3.12 -8.30
C TYR A 245 4.22 -3.33 -7.21
N PRO A 246 5.53 -3.33 -7.58
CA PRO A 246 6.56 -3.66 -6.58
C PRO A 246 6.48 -2.82 -5.30
N CYS A 247 6.43 -3.55 -4.14
CA CYS A 247 6.32 -2.99 -2.76
C CYS A 247 4.92 -2.54 -2.40
N GLY A 248 3.98 -2.72 -3.32
CA GLY A 248 2.51 -2.58 -2.96
C GLY A 248 1.96 -1.21 -3.13
N SER A 249 2.69 -0.26 -3.73
CA SER A 249 2.08 1.02 -3.98
C SER A 249 2.74 1.65 -5.18
N ILE A 250 2.04 2.58 -5.71
CA ILE A 250 2.58 3.32 -6.82
C ILE A 250 2.05 4.73 -6.60
N GLY A 251 2.70 5.70 -7.23
CA GLY A 251 2.17 7.07 -7.05
C GLY A 251 2.13 7.72 -8.41
N THR A 252 1.56 8.90 -8.37
CA THR A 252 1.39 9.72 -9.59
C THR A 252 1.75 11.13 -9.25
N LEU A 253 2.65 11.75 -10.06
CA LEU A 253 2.85 13.19 -9.88
C LEU A 253 1.74 13.96 -10.61
N VAL A 254 0.96 14.71 -9.86
CA VAL A 254 -0.19 15.47 -10.41
C VAL A 254 0.23 16.92 -10.50
N CYS A 255 0.26 17.46 -11.75
CA CYS A 255 0.99 18.71 -12.06
C CYS A 255 -0.01 19.71 -12.63
N SER A 256 -0.01 20.96 -12.10
CA SER A 256 -0.87 22.00 -12.62
C SER A 256 -0.02 23.02 -13.41
N LYS A 257 -0.48 23.36 -14.59
CA LYS A 257 0.15 24.41 -15.36
C LYS A 257 -0.22 25.76 -14.71
N LYS A 258 -1.39 25.90 -14.12
CA LYS A 258 -1.79 27.23 -13.59
C LYS A 258 -1.34 27.31 -12.14
N ALA A 259 -1.04 28.53 -11.70
CA ALA A 259 -0.74 28.84 -10.32
C ALA A 259 -2.01 28.95 -9.56
N GLY A 260 -1.85 28.71 -8.28
CA GLY A 260 -2.92 28.82 -7.28
C GLY A 260 -3.92 27.69 -7.36
N VAL A 261 -3.53 26.60 -8.05
CA VAL A 261 -4.39 25.44 -8.08
C VAL A 261 -3.94 24.44 -7.00
N ASP A 262 -4.89 23.88 -6.27
CA ASP A 262 -4.60 22.87 -5.20
C ASP A 262 -5.24 21.58 -5.64
N VAL A 263 -4.39 20.74 -6.26
CA VAL A 263 -4.97 19.50 -6.82
C VAL A 263 -5.27 18.55 -5.68
N THR A 264 -4.81 18.84 -4.43
CA THR A 264 -5.03 17.87 -3.33
C THR A 264 -6.44 17.76 -2.83
N LYS A 265 -7.25 18.79 -3.09
CA LYS A 265 -8.67 18.85 -2.83
C LYS A 265 -9.40 18.82 -4.12
N PRO A 266 -10.36 17.88 -4.28
CA PRO A 266 -11.05 17.82 -5.60
C PRO A 266 -11.76 19.09 -5.99
N LEU A 267 -11.50 19.59 -7.17
CA LEU A 267 -12.18 20.80 -7.66
C LEU A 267 -13.62 20.48 -8.04
N ARG A 268 -13.80 19.35 -8.74
CA ARG A 268 -15.13 18.90 -9.21
C ARG A 268 -15.31 17.49 -8.59
N PRO A 269 -15.93 17.41 -7.44
CA PRO A 269 -15.98 16.09 -6.79
C PRO A 269 -16.74 14.99 -7.53
N VAL A 270 -16.22 13.78 -7.53
CA VAL A 270 -16.86 12.74 -8.31
C VAL A 270 -18.25 12.39 -7.73
N GLU A 271 -18.50 12.70 -6.46
CA GLU A 271 -19.79 12.33 -5.83
C GLU A 271 -20.94 13.09 -6.44
N ASP A 272 -20.63 14.18 -7.15
CA ASP A 272 -21.63 14.98 -7.82
C ASP A 272 -21.71 14.55 -9.28
N MET A 273 -21.17 13.35 -9.57
CA MET A 273 -21.20 12.82 -10.91
C MET A 273 -21.99 11.51 -10.88
N PRO A 274 -22.65 11.20 -11.96
CA PRO A 274 -23.55 10.06 -11.88
C PRO A 274 -22.91 8.71 -11.70
N PHE A 275 -21.60 8.62 -11.93
CA PHE A 275 -20.97 7.31 -11.93
C PHE A 275 -20.18 7.05 -10.64
N ALA A 276 -20.27 7.96 -9.68
CA ALA A 276 -19.52 7.80 -8.41
C ALA A 276 -19.68 6.41 -7.78
N LYS A 277 -20.91 5.84 -7.74
CA LYS A 277 -21.10 4.58 -7.03
C LYS A 277 -20.62 3.39 -7.85
N ASP A 278 -20.16 3.63 -9.06
CA ASP A 278 -19.67 2.49 -9.87
C ASP A 278 -18.19 2.23 -9.54
N LEU A 279 -17.53 3.21 -8.94
CA LEU A 279 -16.09 3.07 -8.75
C LEU A 279 -15.81 2.18 -7.54
N LYS A 280 -14.72 1.42 -7.61
CA LYS A 280 -14.35 0.47 -6.54
C LYS A 280 -13.32 0.95 -5.59
N TYR A 281 -12.54 1.96 -5.95
CA TYR A 281 -11.46 2.52 -5.12
C TYR A 281 -11.69 4.02 -4.81
N TYR A 282 -11.71 4.80 -5.85
CA TYR A 282 -11.64 6.21 -5.64
C TYR A 282 -12.95 6.80 -5.18
N ASP A 283 -12.79 7.86 -4.41
CA ASP A 283 -13.83 8.86 -4.03
C ASP A 283 -13.07 10.08 -3.56
N SER A 284 -13.76 11.15 -3.13
CA SER A 284 -13.11 12.34 -2.75
C SER A 284 -12.25 12.23 -1.47
N GLU A 285 -12.64 11.36 -0.54
CA GLU A 285 -11.79 11.18 0.64
C GLU A 285 -10.54 10.44 0.27
N MET A 286 -10.63 9.45 -0.62
CA MET A 286 -9.36 8.77 -1.05
C MET A 286 -8.48 9.78 -1.83
N HIS A 287 -9.15 10.62 -2.65
CA HIS A 287 -8.40 11.71 -3.32
C HIS A 287 -7.53 12.55 -2.36
N LYS A 288 -8.17 13.10 -1.31
CA LYS A 288 -7.42 13.92 -0.36
C LYS A 288 -6.36 13.09 0.33
N ALA A 289 -6.73 11.88 0.76
CA ALA A 289 -5.84 11.06 1.57
C ALA A 289 -4.59 10.72 0.78
N SER A 290 -4.74 10.61 -0.55
CA SER A 290 -3.61 10.10 -1.40
C SER A 290 -2.38 11.05 -1.36
N PHE A 291 -2.64 12.34 -1.04
CA PHE A 291 -1.54 13.32 -1.02
C PHE A 291 -0.84 13.45 0.32
N ALA A 292 -1.31 12.72 1.33
CA ALA A 292 -0.61 12.70 2.64
C ALA A 292 0.49 11.68 2.49
N LEU A 293 1.76 12.08 2.64
CA LEU A 293 2.84 11.11 2.36
C LEU A 293 3.53 10.79 3.69
N PRO A 294 4.14 9.62 3.78
CA PRO A 294 4.90 9.23 5.01
C PRO A 294 5.99 10.30 5.24
N ARG A 295 6.33 10.56 6.49
CA ARG A 295 7.35 11.59 6.75
C ARG A 295 8.63 11.46 5.91
N PHE A 296 9.13 10.25 5.64
CA PHE A 296 10.35 10.10 4.85
C PHE A 296 10.26 10.60 3.41
N ALA A 297 9.02 10.64 2.89
CA ALA A 297 8.78 11.15 1.51
C ALA A 297 8.15 12.52 1.43
N ARG A 298 7.87 13.16 2.56
CA ARG A 298 6.92 14.34 2.63
C ARG A 298 7.45 15.47 1.81
N HIS A 299 8.78 15.53 1.66
CA HIS A 299 9.41 16.67 1.02
C HIS A 299 9.02 16.79 -0.46
N ILE A 300 8.47 15.70 -1.05
CA ILE A 300 8.05 15.67 -2.45
C ILE A 300 6.93 16.70 -2.53
N ASN A 301 6.08 16.79 -1.53
CA ASN A 301 4.85 17.58 -1.56
C ASN A 301 4.92 18.84 -0.74
N ASN A 302 5.95 18.93 0.11
CA ASN A 302 6.24 20.02 1.12
C ASN A 302 5.36 20.00 2.34
N MET B 9 0.92 -25.57 7.47
CA MET B 9 2.01 -24.91 8.30
C MET B 9 3.40 -25.10 7.73
N PRO B 10 3.99 -23.98 7.25
CA PRO B 10 5.31 -24.00 6.67
C PRO B 10 6.40 -23.83 7.72
N GLY B 11 7.58 -24.31 7.38
CA GLY B 11 8.75 -24.08 8.19
C GLY B 11 9.96 -23.84 7.33
N SER B 12 10.96 -24.71 7.52
CA SER B 12 12.28 -24.56 6.89
C SER B 12 12.26 -24.56 5.36
N GLU B 13 11.42 -25.39 4.77
CA GLU B 13 11.37 -25.56 3.33
C GLU B 13 11.11 -24.25 2.50
N LEU B 14 10.59 -23.17 3.13
CA LEU B 14 10.41 -21.94 2.39
C LEU B 14 11.68 -21.23 1.88
N ILE B 15 12.84 -21.60 2.42
CA ILE B 15 14.11 -21.15 1.91
C ILE B 15 14.67 -22.31 1.11
N SER B 16 14.80 -22.08 -0.18
CA SER B 16 15.37 -23.06 -1.03
C SER B 16 15.83 -22.33 -2.25
N GLY B 17 16.97 -22.77 -2.74
CA GLY B 17 17.61 -22.23 -3.92
C GLY B 17 18.00 -20.77 -3.87
N GLY B 18 18.36 -20.23 -2.69
CA GLY B 18 18.85 -18.88 -2.54
C GLY B 18 17.76 -17.84 -2.17
N TRP B 19 16.51 -18.29 -2.13
CA TRP B 19 15.36 -17.35 -1.91
C TRP B 19 14.48 -17.84 -0.81
N PHE B 20 13.77 -16.87 -0.18
CA PHE B 20 12.70 -17.14 0.73
C PHE B 20 11.45 -16.76 -0.02
N ARG B 21 10.56 -17.72 -0.11
CA ARG B 21 9.26 -17.60 -0.75
C ARG B 21 8.13 -17.74 0.27
N GLU B 22 7.34 -16.69 0.40
CA GLU B 22 6.33 -16.60 1.41
C GLU B 22 5.00 -17.21 0.86
N GLU B 23 5.07 -18.49 0.48
CA GLU B 23 3.90 -19.28 0.10
C GLU B 23 3.08 -19.68 1.29
N ASN B 24 1.77 -19.47 1.24
CA ASN B 24 0.94 -19.75 2.41
C ASN B 24 -0.51 -19.93 1.94
N ASP B 25 -1.27 -20.89 2.51
CA ASP B 25 -2.61 -21.01 2.02
C ASP B 25 -3.49 -19.88 2.65
N GLN B 26 -2.92 -18.98 3.47
CA GLN B 26 -3.72 -17.76 3.85
C GLN B 26 -3.75 -16.76 2.70
N TRP B 27 -2.92 -16.97 1.67
CA TRP B 27 -2.98 -16.09 0.46
C TRP B 27 -2.65 -17.00 -0.70
N PRO B 28 -3.66 -17.78 -1.11
CA PRO B 28 -3.36 -18.76 -2.19
C PRO B 28 -2.96 -18.09 -3.52
N GLY B 29 -1.98 -18.71 -4.20
CA GLY B 29 -1.63 -18.30 -5.55
C GLY B 29 -0.75 -17.07 -5.67
N GLN B 30 -0.22 -16.62 -4.55
CA GLN B 30 0.71 -15.50 -4.49
C GLN B 30 1.79 -15.73 -3.48
N ALA B 31 2.94 -15.14 -3.74
CA ALA B 31 4.01 -15.17 -2.76
C ALA B 31 5.05 -14.10 -3.01
N MET B 32 5.28 -13.28 -2.00
CA MET B 32 6.41 -12.41 -2.04
C MET B 32 7.65 -13.21 -1.81
N SER B 33 8.73 -12.84 -2.44
CA SER B 33 9.98 -13.53 -2.21
C SER B 33 11.16 -12.54 -2.06
N LEU B 34 12.13 -12.90 -1.22
CA LEU B 34 13.29 -12.12 -0.92
C LEU B 34 14.52 -12.99 -1.06
N ARG B 35 15.56 -12.46 -1.66
CA ARG B 35 16.79 -13.27 -1.83
C ARG B 35 17.40 -13.42 -0.42
N VAL B 36 17.99 -14.57 -0.18
CA VAL B 36 18.64 -14.87 1.13
C VAL B 36 20.17 -14.80 0.99
N GLU B 37 20.81 -13.87 1.68
CA GLU B 37 22.31 -13.74 1.70
C GLU B 37 22.85 -14.72 2.70
N LYS B 38 22.26 -14.76 3.90
CA LYS B 38 22.70 -15.60 5.00
C LYS B 38 21.58 -15.91 6.01
N VAL B 39 21.46 -17.18 6.38
CA VAL B 39 20.48 -17.63 7.41
C VAL B 39 21.09 -17.47 8.79
N LEU B 40 20.47 -16.64 9.62
CA LEU B 40 20.94 -16.33 10.98
C LEU B 40 20.28 -17.26 12.05
N TYR B 41 19.01 -17.68 11.82
CA TYR B 41 18.26 -18.49 12.74
C TYR B 41 17.20 -19.19 11.97
N ASP B 42 16.99 -20.46 12.28
CA ASP B 42 15.99 -21.24 11.59
C ASP B 42 15.66 -22.49 12.33
N ALA B 43 14.60 -22.41 13.11
CA ALA B 43 14.27 -23.48 14.06
C ALA B 43 12.86 -23.42 14.65
N PRO B 44 12.24 -24.56 15.04
CA PRO B 44 10.97 -24.54 15.79
C PRO B 44 11.15 -23.99 17.20
N THR B 45 10.19 -23.17 17.65
CA THR B 45 10.24 -22.74 19.02
C THR B 45 9.22 -23.61 19.78
N LYS B 46 8.90 -23.25 21.03
CA LYS B 46 7.83 -23.96 21.68
C LYS B 46 6.52 -23.77 20.92
N PHE B 47 6.40 -22.71 20.09
CA PHE B 47 5.11 -22.47 19.45
C PHE B 47 5.05 -22.27 17.95
N GLN B 48 6.14 -21.83 17.34
CA GLN B 48 6.10 -21.39 15.97
C GLN B 48 7.43 -21.73 15.29
N HIS B 49 7.45 -21.74 13.96
CA HIS B 49 8.69 -21.85 13.31
C HIS B 49 9.32 -20.46 13.15
N LEU B 50 10.49 -20.23 13.72
CA LEU B 50 11.11 -18.91 13.64
C LEU B 50 12.28 -18.94 12.68
N THR B 51 12.23 -18.08 11.65
CA THR B 51 13.32 -17.92 10.67
C THR B 51 13.81 -16.49 10.62
N ILE B 52 15.12 -16.30 10.74
CA ILE B 52 15.75 -15.00 10.62
C ILE B 52 16.88 -15.08 9.60
N PHE B 53 16.87 -14.15 8.62
CA PHE B 53 17.92 -14.04 7.61
C PHE B 53 18.35 -12.65 7.19
N GLU B 54 19.63 -12.52 6.80
CA GLU B 54 20.13 -11.35 6.11
C GLU B 54 19.72 -11.45 4.67
N SER B 55 18.93 -10.47 4.19
CA SER B 55 18.55 -10.46 2.75
C SER B 55 19.70 -9.94 1.85
N ASP B 56 19.47 -9.90 0.54
CA ASP B 56 20.45 -9.40 -0.43
C ASP B 56 20.93 -8.03 -0.07
N PRO B 57 22.24 -7.85 0.15
CA PRO B 57 22.84 -6.51 0.32
C PRO B 57 22.67 -5.53 -0.84
N LYS B 58 22.34 -6.02 -2.04
CA LYS B 58 22.05 -5.14 -3.16
C LYS B 58 20.63 -4.63 -3.03
N GLY B 59 19.84 -5.29 -2.17
CA GLY B 59 18.48 -4.83 -1.85
C GLY B 59 18.46 -4.01 -0.60
N PRO B 60 17.33 -3.34 -0.34
CA PRO B 60 17.20 -2.42 0.78
C PRO B 60 16.72 -3.09 2.10
N TRP B 61 16.33 -4.35 2.07
CA TRP B 61 15.55 -4.97 3.19
C TRP B 61 16.30 -5.26 4.46
N GLY B 62 17.60 -5.53 4.38
CA GLY B 62 18.30 -5.89 5.59
C GLY B 62 17.92 -7.21 6.17
N THR B 63 17.86 -7.25 7.50
CA THR B 63 17.49 -8.44 8.26
C THR B 63 16.01 -8.69 8.29
N VAL B 64 15.63 -9.94 8.08
CA VAL B 64 14.22 -10.36 7.99
C VAL B 64 13.89 -11.43 9.04
N MET B 65 12.70 -11.32 9.69
CA MET B 65 12.16 -12.30 10.53
C MET B 65 10.83 -12.84 9.97
N ALA B 66 10.66 -14.17 10.01
CA ALA B 66 9.39 -14.82 9.63
C ALA B 66 8.97 -15.76 10.77
N LEU B 67 7.64 -15.90 10.95
CA LEU B 67 7.08 -16.83 11.92
C LEU B 67 6.03 -17.69 11.21
N ASP B 68 6.24 -19.02 11.21
CA ASP B 68 5.34 -19.95 10.54
C ASP B 68 5.26 -19.56 9.05
N GLY B 69 6.40 -19.11 8.50
CA GLY B 69 6.56 -18.82 7.06
C GLY B 69 6.18 -17.43 6.68
N CYS B 70 5.65 -16.68 7.65
CA CYS B 70 5.08 -15.34 7.34
C CYS B 70 6.04 -14.21 7.84
N ILE B 71 6.43 -13.35 6.93
CA ILE B 71 7.35 -12.24 7.20
C ILE B 71 6.71 -11.40 8.28
N GLN B 72 7.48 -11.18 9.33
CA GLN B 72 7.02 -10.35 10.48
C GLN B 72 7.63 -8.93 10.52
N VAL B 73 8.93 -8.80 10.27
CA VAL B 73 9.63 -7.50 10.36
C VAL B 73 10.81 -7.53 9.37
N THR B 74 11.13 -6.40 8.72
CA THR B 74 12.44 -6.24 7.99
C THR B 74 13.03 -4.99 8.56
N ASP B 75 14.34 -4.82 8.46
CA ASP B 75 14.92 -3.51 8.88
C ASP B 75 14.37 -2.28 8.18
N TYR B 76 14.08 -2.41 6.89
CA TYR B 76 13.76 -1.33 6.00
C TYR B 76 12.42 -0.70 6.35
N ASP B 77 11.42 -1.54 6.60
CA ASP B 77 10.06 -0.98 6.64
C ASP B 77 9.40 -1.24 8.01
N GLU B 78 10.17 -1.68 9.04
CA GLU B 78 9.51 -1.99 10.34
C GLU B 78 8.86 -0.76 10.97
N PHE B 79 9.43 0.37 10.69
CA PHE B 79 8.90 1.62 11.29
C PHE B 79 7.47 1.90 11.06
N VAL B 80 6.98 1.51 9.86
CA VAL B 80 5.59 1.91 9.53
C VAL B 80 4.60 1.40 10.57
N TYR B 81 4.41 0.11 10.59
CA TYR B 81 3.34 -0.46 11.45
C TYR B 81 3.61 -0.15 12.92
N HIS B 82 4.87 -0.10 13.35
CA HIS B 82 5.14 0.14 14.80
C HIS B 82 4.73 1.56 15.11
N GLU B 83 5.03 2.53 14.19
CA GLU B 83 4.58 3.91 14.50
C GLU B 83 3.08 4.02 14.38
N VAL B 84 2.44 3.40 13.40
CA VAL B 84 1.03 3.61 13.22
C VAL B 84 0.27 3.02 14.45
N LEU B 85 0.54 1.79 14.80
CA LEU B 85 -0.22 1.22 15.97
C LEU B 85 0.11 1.98 17.25
N GLY B 86 1.38 2.34 17.48
CA GLY B 86 1.70 3.06 18.79
C GLY B 86 1.09 4.47 18.83
N HIS B 87 1.23 5.25 17.78
CA HIS B 87 0.81 6.66 17.88
C HIS B 87 -0.61 6.83 17.49
N THR B 88 -1.18 6.07 16.58
CA THR B 88 -2.54 6.27 16.29
C THR B 88 -3.45 6.01 17.52
N SER B 89 -3.13 4.98 18.26
CA SER B 89 -3.87 4.63 19.53
C SER B 89 -3.56 5.65 20.65
N LEU B 90 -2.24 5.94 20.93
CA LEU B 90 -1.93 6.89 22.04
C LEU B 90 -2.38 8.30 21.72
N CYS B 91 -2.20 8.76 20.50
CA CYS B 91 -2.64 10.15 20.22
C CYS B 91 -4.17 10.26 20.17
N SER B 92 -4.92 9.18 20.30
CA SER B 92 -6.41 9.19 20.32
C SER B 92 -6.93 9.15 21.78
N HIS B 93 -5.99 9.03 22.73
CA HIS B 93 -6.35 8.89 24.14
C HIS B 93 -6.00 10.20 24.87
N PRO B 94 -6.87 10.60 25.83
CA PRO B 94 -6.60 11.91 26.44
C PRO B 94 -5.43 11.93 27.42
N LYS B 95 -5.03 10.74 27.91
CA LYS B 95 -3.94 10.66 28.91
C LYS B 95 -3.57 9.22 29.12
N PRO B 96 -2.80 8.65 28.15
CA PRO B 96 -2.51 7.22 28.24
C PRO B 96 -1.30 6.96 29.12
N GLU B 97 -1.60 6.38 30.28
CA GLU B 97 -0.66 6.10 31.38
C GLU B 97 -0.32 4.67 31.51
N ARG B 98 -1.31 3.79 31.27
CA ARG B 98 -1.08 2.33 31.43
C ARG B 98 -1.46 1.61 30.13
N VAL B 99 -0.49 0.89 29.54
CA VAL B 99 -0.68 0.34 28.19
C VAL B 99 -0.33 -1.12 28.24
N LEU B 100 -1.14 -1.89 27.47
CA LEU B 100 -0.83 -3.31 27.34
C LEU B 100 -0.58 -3.61 25.89
N ILE B 101 0.47 -4.37 25.65
CA ILE B 101 0.71 -4.88 24.29
C ILE B 101 0.60 -6.39 24.34
N ILE B 102 -0.31 -6.96 23.53
CA ILE B 102 -0.42 -8.40 23.40
C ILE B 102 0.36 -8.79 22.18
N GLY B 103 1.21 -9.78 22.28
CA GLY B 103 2.13 -10.04 21.12
C GLY B 103 3.32 -9.06 21.16
N GLY B 104 3.73 -8.57 20.00
CA GLY B 104 4.72 -7.53 20.05
C GLY B 104 6.08 -7.94 20.57
N GLY B 105 6.45 -9.22 20.44
CA GLY B 105 7.70 -9.67 21.03
C GLY B 105 8.96 -9.07 20.47
N ASP B 106 8.89 -8.54 19.24
CA ASP B 106 10.04 -7.85 18.66
C ASP B 106 10.40 -6.57 19.38
N GLY B 107 9.42 -6.01 20.11
CA GLY B 107 9.62 -4.70 20.79
C GLY B 107 9.28 -3.40 20.09
N GLY B 108 8.94 -3.52 18.78
CA GLY B 108 8.76 -2.32 17.91
C GLY B 108 7.61 -1.43 18.37
N VAL B 109 6.39 -2.01 18.60
CA VAL B 109 5.32 -1.12 19.16
C VAL B 109 5.74 -0.57 20.54
N LEU B 110 6.33 -1.38 21.42
CA LEU B 110 6.76 -0.91 22.72
C LEU B 110 7.73 0.29 22.58
N ARG B 111 8.63 0.23 21.63
CA ARG B 111 9.59 1.34 21.37
C ARG B 111 8.81 2.63 21.11
N GLU B 112 7.78 2.52 20.26
CA GLU B 112 7.00 3.68 19.96
C GLU B 112 6.13 4.19 21.08
N VAL B 113 5.49 3.27 21.84
CA VAL B 113 4.68 3.58 23.02
C VAL B 113 5.51 4.38 24.03
N LEU B 114 6.76 4.01 24.17
CA LEU B 114 7.58 4.60 25.25
C LEU B 114 8.16 5.90 24.80
N ARG B 115 7.91 6.31 23.57
CA ARG B 115 8.28 7.70 23.30
C ARG B 115 7.36 8.66 24.02
N HIS B 116 6.15 8.25 24.39
CA HIS B 116 5.14 9.14 25.04
C HIS B 116 5.48 9.36 26.49
N GLY B 117 5.70 10.64 26.83
CA GLY B 117 5.89 10.95 28.25
C GLY B 117 4.74 10.69 29.20
N THR B 118 3.51 10.60 28.70
CA THR B 118 2.33 10.22 29.58
C THR B 118 2.42 8.78 30.08
N VAL B 119 3.16 7.90 29.39
CA VAL B 119 3.12 6.50 29.73
C VAL B 119 3.93 6.26 31.03
N GLU B 120 3.24 5.76 32.05
CA GLU B 120 3.86 5.30 33.34
C GLU B 120 4.35 3.88 33.25
N HIS B 121 3.54 2.99 32.67
CA HIS B 121 3.98 1.59 32.49
C HIS B 121 3.32 0.92 31.32
N CYS B 122 4.03 -0.06 30.71
CA CYS B 122 3.49 -0.79 29.61
C CYS B 122 3.86 -2.23 29.79
N ASP B 123 2.81 -3.05 29.87
CA ASP B 123 3.00 -4.48 29.97
C ASP B 123 3.00 -5.17 28.65
N LEU B 124 3.88 -6.15 28.40
CA LEU B 124 3.86 -6.73 27.05
C LEU B 124 3.91 -8.20 27.28
N VAL B 125 2.98 -8.92 26.61
CA VAL B 125 2.83 -10.36 26.83
C VAL B 125 2.81 -11.06 25.47
N ASP B 126 3.89 -11.84 25.21
CA ASP B 126 3.98 -12.55 23.92
C ASP B 126 4.18 -13.96 24.30
N ILE B 127 3.50 -14.85 23.58
CA ILE B 127 3.54 -16.30 23.85
C ILE B 127 4.89 -16.97 23.60
N ASP B 128 5.69 -16.34 22.76
CA ASP B 128 6.93 -16.97 22.26
C ASP B 128 8.22 -16.25 22.73
N GLY B 129 8.81 -16.78 23.83
CA GLY B 129 10.02 -16.16 24.44
C GLY B 129 11.21 -16.09 23.53
N GLU B 130 11.22 -16.97 22.52
CA GLU B 130 12.33 -16.98 21.56
C GLU B 130 12.30 -15.77 20.60
N VAL B 131 11.09 -15.22 20.36
CA VAL B 131 10.98 -13.99 19.49
C VAL B 131 11.68 -12.83 20.19
N MET B 132 11.49 -12.70 21.50
CA MET B 132 12.11 -11.57 22.22
C MET B 132 13.63 -11.81 22.18
N GLU B 133 14.05 -13.05 22.47
CA GLU B 133 15.52 -13.33 22.52
C GLU B 133 16.16 -13.06 21.15
N GLN B 134 15.55 -13.59 20.06
CA GLN B 134 16.08 -13.30 18.72
C GLN B 134 15.97 -11.91 18.26
N SER B 135 14.96 -11.16 18.76
CA SER B 135 14.87 -9.75 18.43
C SER B 135 15.98 -8.98 19.12
N LYS B 136 16.32 -9.38 20.35
CA LYS B 136 17.45 -8.77 21.03
C LYS B 136 18.75 -9.06 20.34
N GLN B 137 18.91 -10.27 19.82
CA GLN B 137 20.15 -10.59 19.13
C GLN B 137 20.28 -9.95 17.71
N HIS B 138 19.18 -9.98 16.91
CA HIS B 138 19.19 -9.64 15.47
C HIS B 138 18.56 -8.37 15.02
N PHE B 139 17.74 -7.75 15.90
CA PHE B 139 17.06 -6.52 15.61
C PHE B 139 17.18 -5.57 16.74
N PRO B 140 18.43 -5.19 17.08
CA PRO B 140 18.55 -4.27 18.23
C PRO B 140 17.82 -2.96 18.11
N GLN B 141 17.63 -2.38 16.93
CA GLN B 141 16.94 -1.08 16.85
C GLN B 141 15.47 -1.22 17.04
N ILE B 142 14.97 -2.43 16.86
CA ILE B 142 13.51 -2.69 17.14
C ILE B 142 13.30 -3.09 18.61
N SER B 143 14.24 -3.82 19.23
CA SER B 143 14.07 -4.42 20.56
C SER B 143 14.67 -3.62 21.74
N ARG B 144 15.17 -2.42 21.39
CA ARG B 144 15.87 -1.55 22.30
C ARG B 144 15.07 -1.11 23.52
N SER B 145 13.75 -1.35 23.54
CA SER B 145 12.98 -0.94 24.68
C SER B 145 12.49 -2.12 25.54
N LEU B 146 12.84 -3.36 25.19
CA LEU B 146 12.26 -4.47 25.94
C LEU B 146 12.70 -4.50 27.38
N ALA B 147 13.90 -3.96 27.66
CA ALA B 147 14.43 -3.97 28.99
C ALA B 147 14.22 -2.59 29.67
N ASP B 148 13.34 -1.72 29.11
CA ASP B 148 13.07 -0.44 29.77
C ASP B 148 12.41 -0.65 31.11
N PRO B 149 12.70 0.19 32.12
CA PRO B 149 12.07 0.07 33.43
C PRO B 149 10.59 0.41 33.45
N ARG B 150 10.09 1.04 32.36
CA ARG B 150 8.67 1.36 32.23
C ARG B 150 7.98 0.20 31.59
N ALA B 151 8.68 -0.87 31.20
CA ALA B 151 8.00 -2.00 30.56
C ALA B 151 8.12 -3.24 31.48
N THR B 152 7.09 -4.09 31.40
CA THR B 152 7.26 -5.44 31.97
C THR B 152 6.87 -6.42 30.92
N VAL B 153 7.80 -7.30 30.58
CA VAL B 153 7.66 -8.28 29.53
C VAL B 153 7.47 -9.69 30.10
N ARG B 154 6.35 -10.29 29.77
CA ARG B 154 5.98 -11.64 30.19
C ARG B 154 5.77 -12.59 29.04
N VAL B 155 6.21 -13.84 29.22
CA VAL B 155 6.01 -14.90 28.21
C VAL B 155 4.77 -15.67 28.57
N GLY B 156 3.73 -15.55 27.74
CA GLY B 156 2.45 -16.25 27.98
C GLY B 156 1.47 -15.99 26.91
N ASP B 157 0.43 -16.80 26.87
CA ASP B 157 -0.66 -16.60 25.96
C ASP B 157 -1.43 -15.33 26.34
N GLY B 158 -1.58 -14.40 25.41
CA GLY B 158 -2.40 -13.20 25.79
C GLY B 158 -3.87 -13.49 26.04
N LEU B 159 -4.37 -14.61 25.55
CA LEU B 159 -5.81 -14.92 25.79
C LEU B 159 -6.00 -15.12 27.39
N ALA B 160 -5.11 -15.91 27.99
CA ALA B 160 -5.11 -16.13 29.43
C ALA B 160 -4.79 -14.83 30.17
N PHE B 161 -3.82 -14.07 29.64
CA PHE B 161 -3.50 -12.84 30.36
C PHE B 161 -4.62 -11.83 30.48
N VAL B 162 -5.30 -11.58 29.36
CA VAL B 162 -6.48 -10.73 29.46
C VAL B 162 -7.63 -11.30 30.34
N ARG B 163 -7.78 -12.62 30.30
CA ARG B 163 -8.79 -13.23 31.15
C ARG B 163 -8.50 -13.00 32.62
N GLN B 164 -7.22 -13.06 32.98
CA GLN B 164 -6.85 -12.94 34.39
C GLN B 164 -6.76 -11.46 34.88
N THR B 165 -6.49 -10.50 33.96
CA THR B 165 -6.38 -9.13 34.30
C THR B 165 -7.73 -8.58 34.82
N PRO B 166 -7.69 -7.73 35.85
CA PRO B 166 -8.90 -7.10 36.39
C PRO B 166 -9.51 -6.08 35.54
N ASP B 167 -10.82 -5.82 35.78
CA ASP B 167 -11.49 -4.79 35.09
C ASP B 167 -10.74 -3.44 35.20
N ASN B 168 -10.88 -2.61 34.16
CA ASN B 168 -10.47 -1.22 34.26
C ASN B 168 -9.00 -1.01 34.62
N THR B 169 -8.12 -1.81 33.97
CA THR B 169 -6.69 -1.74 34.23
C THR B 169 -5.94 -0.85 33.24
N TYR B 170 -6.25 -0.92 31.96
CA TYR B 170 -5.48 -0.23 30.97
C TYR B 170 -6.17 0.96 30.29
N ASP B 171 -5.35 1.94 29.86
CA ASP B 171 -5.87 3.01 28.98
C ASP B 171 -5.86 2.60 27.52
N VAL B 172 -4.83 1.82 27.11
CA VAL B 172 -4.80 1.47 25.74
C VAL B 172 -4.31 -0.02 25.68
N VAL B 173 -4.97 -0.79 24.83
CA VAL B 173 -4.50 -2.20 24.56
C VAL B 173 -4.13 -2.30 23.12
N ILE B 174 -2.90 -2.78 22.80
CA ILE B 174 -2.50 -2.85 21.38
C ILE B 174 -2.22 -4.33 21.13
N ILE B 175 -2.96 -4.89 20.19
CA ILE B 175 -2.85 -6.35 19.88
C ILE B 175 -2.04 -6.60 18.62
N ASP B 176 -0.77 -6.77 18.84
CA ASP B 176 0.20 -6.91 17.77
C ASP B 176 0.51 -8.38 17.55
N THR B 177 -0.40 -9.05 16.79
CA THR B 177 -0.24 -10.50 16.57
C THR B 177 0.17 -10.94 15.22
N THR B 178 0.70 -12.18 15.20
CA THR B 178 0.75 -12.90 13.97
C THR B 178 -0.66 -13.09 13.36
N ASP B 179 -0.73 -13.61 12.12
CA ASP B 179 -2.02 -13.89 11.44
C ASP B 179 -2.74 -15.01 12.12
N PRO B 180 -4.02 -15.20 11.75
CA PRO B 180 -4.83 -16.14 12.52
C PRO B 180 -4.34 -17.60 12.50
N ALA B 181 -3.58 -18.05 11.48
CA ALA B 181 -3.11 -19.41 11.54
C ALA B 181 -1.92 -19.54 12.46
N GLY B 182 -2.11 -20.35 13.52
CA GLY B 182 -1.10 -20.46 14.52
C GLY B 182 -1.62 -20.03 15.90
N PRO B 183 -0.67 -19.67 16.80
CA PRO B 183 -1.07 -19.43 18.21
C PRO B 183 -1.87 -18.14 18.37
N ALA B 184 -1.95 -17.28 17.33
CA ALA B 184 -2.83 -16.10 17.46
C ALA B 184 -4.32 -16.35 17.20
N SER B 185 -4.66 -17.57 16.84
CA SER B 185 -6.04 -17.86 16.40
C SER B 185 -7.11 -17.24 17.27
N LYS B 186 -7.07 -17.49 18.62
CA LYS B 186 -8.16 -17.04 19.44
C LYS B 186 -8.16 -15.53 19.70
N LEU B 187 -7.00 -14.88 19.39
CA LEU B 187 -6.93 -13.41 19.51
C LEU B 187 -7.63 -12.69 18.35
N PHE B 188 -8.32 -13.39 17.46
CA PHE B 188 -9.17 -12.76 16.40
C PHE B 188 -10.63 -13.08 16.69
N GLY B 189 -10.86 -13.57 17.90
CA GLY B 189 -12.17 -14.10 18.27
C GLY B 189 -12.90 -13.26 19.32
N GLU B 190 -14.20 -13.57 19.47
CA GLU B 190 -15.10 -12.74 20.31
C GLU B 190 -14.79 -12.85 21.82
N ALA B 191 -14.40 -14.04 22.30
CA ALA B 191 -14.16 -14.16 23.78
C ALA B 191 -12.99 -13.23 24.19
N PHE B 192 -11.96 -13.20 23.36
CA PHE B 192 -10.80 -12.36 23.64
C PHE B 192 -11.21 -10.90 23.67
N TYR B 193 -11.92 -10.44 22.64
CA TYR B 193 -12.36 -9.02 22.70
C TYR B 193 -13.31 -8.65 23.79
N LYS B 194 -14.16 -9.59 24.20
CA LYS B 194 -14.90 -9.32 25.49
C LYS B 194 -14.00 -9.00 26.69
N ASP B 195 -12.90 -9.72 26.82
CA ASP B 195 -11.91 -9.39 27.86
C ASP B 195 -11.17 -8.10 27.60
N VAL B 196 -10.83 -7.82 26.33
CA VAL B 196 -10.11 -6.55 26.13
C VAL B 196 -11.10 -5.41 26.54
N LEU B 197 -12.41 -5.52 26.17
CA LEU B 197 -13.35 -4.40 26.57
C LEU B 197 -13.32 -4.23 28.09
N ARG B 198 -13.35 -5.38 28.73
CA ARG B 198 -13.50 -5.38 30.20
C ARG B 198 -12.25 -4.79 30.97
N ILE B 199 -11.06 -5.17 30.51
CA ILE B 199 -9.81 -4.62 31.08
C ILE B 199 -9.45 -3.19 30.71
N LEU B 200 -10.15 -2.60 29.75
CA LEU B 200 -9.97 -1.16 29.43
C LEU B 200 -10.72 -0.34 30.45
N LYS B 201 -10.09 0.76 30.84
CA LYS B 201 -10.81 1.81 31.60
C LYS B 201 -11.92 2.39 30.72
N PRO B 202 -12.86 3.15 31.35
CA PRO B 202 -14.06 3.59 30.62
C PRO B 202 -13.73 4.37 29.39
N ASP B 203 -12.64 5.13 29.43
CA ASP B 203 -12.17 5.88 28.27
C ASP B 203 -11.01 5.24 27.51
N GLY B 204 -11.00 3.92 27.60
CA GLY B 204 -9.90 3.11 26.93
C GLY B 204 -9.99 3.05 25.39
N ILE B 205 -8.89 2.68 24.73
CA ILE B 205 -8.79 2.54 23.30
C ILE B 205 -8.05 1.22 23.05
N CYS B 206 -8.46 0.47 22.04
CA CYS B 206 -7.61 -0.63 21.59
C CYS B 206 -7.34 -0.53 20.11
N CYS B 207 -6.35 -1.28 19.65
CA CYS B 207 -6.22 -1.42 18.19
C CYS B 207 -5.48 -2.77 17.98
N ASN B 208 -5.48 -3.28 16.77
CA ASN B 208 -4.95 -4.62 16.51
C ASN B 208 -4.18 -4.73 15.23
N GLN B 209 -3.73 -5.96 14.93
CA GLN B 209 -3.19 -6.24 13.65
C GLN B 209 -4.38 -6.73 12.78
N GLY B 210 -4.79 -5.84 11.85
CA GLY B 210 -6.11 -5.90 11.23
C GLY B 210 -6.06 -6.38 9.82
N GLU B 211 -4.96 -7.06 9.48
CA GLU B 211 -4.92 -7.91 8.25
C GLU B 211 -4.98 -7.10 6.95
N SER B 212 -5.35 -7.77 5.87
CA SER B 212 -5.37 -7.11 4.54
C SER B 212 -6.77 -6.95 3.99
N ILE B 213 -7.13 -5.74 3.46
CA ILE B 213 -8.38 -5.57 2.79
C ILE B 213 -8.55 -6.34 1.50
N TRP B 214 -7.41 -6.85 1.03
CA TRP B 214 -7.37 -7.51 -0.29
C TRP B 214 -7.58 -8.96 -0.07
N LEU B 215 -7.29 -9.45 1.14
CA LEU B 215 -7.26 -10.96 1.37
C LEU B 215 -8.23 -11.45 2.46
N ASP B 216 -8.57 -10.56 3.37
CA ASP B 216 -9.18 -10.92 4.68
C ASP B 216 -10.40 -10.05 4.93
N LEU B 217 -11.04 -9.47 3.87
CA LEU B 217 -12.09 -8.49 4.16
C LEU B 217 -13.26 -9.21 4.89
N GLU B 218 -13.49 -10.49 4.59
CA GLU B 218 -14.57 -11.22 5.29
C GLU B 218 -14.33 -11.21 6.80
N LEU B 219 -13.10 -11.51 7.18
CA LEU B 219 -12.80 -11.61 8.63
C LEU B 219 -12.80 -10.19 9.28
N ILE B 220 -12.19 -9.25 8.57
CA ILE B 220 -12.14 -7.93 9.11
C ILE B 220 -13.52 -7.38 9.36
N GLU B 221 -14.47 -7.53 8.40
CA GLU B 221 -15.86 -7.13 8.64
C GLU B 221 -16.52 -7.92 9.78
N LYS B 222 -16.22 -9.20 9.88
CA LYS B 222 -16.79 -10.01 10.97
C LYS B 222 -16.32 -9.46 12.30
N MET B 223 -15.04 -9.19 12.41
CA MET B 223 -14.53 -8.62 13.66
C MET B 223 -15.13 -7.24 13.99
N SER B 224 -15.27 -6.36 13.00
CA SER B 224 -15.83 -5.05 13.30
C SER B 224 -17.22 -5.19 13.87
N ARG B 225 -17.97 -6.15 13.32
CA ARG B 225 -19.34 -6.38 13.82
C ARG B 225 -19.33 -6.85 15.26
N PHE B 226 -18.52 -7.86 15.54
CA PHE B 226 -18.61 -8.39 16.91
C PHE B 226 -17.94 -7.50 17.95
N ILE B 227 -16.98 -6.67 17.50
CA ILE B 227 -16.31 -5.80 18.48
C ILE B 227 -17.35 -4.70 18.85
N ARG B 228 -18.11 -4.18 17.89
CA ARG B 228 -19.23 -3.29 18.24
C ARG B 228 -20.23 -3.98 19.17
N GLU B 229 -20.67 -5.17 18.78
CA GLU B 229 -21.74 -5.87 19.56
C GLU B 229 -21.26 -6.19 21.02
N THR B 230 -19.94 -6.38 21.18
CA THR B 230 -19.30 -6.60 22.51
C THR B 230 -19.52 -5.41 23.45
N GLY B 231 -19.52 -4.20 22.92
CA GLY B 231 -19.79 -3.01 23.72
C GLY B 231 -18.89 -1.84 23.35
N PHE B 232 -17.97 -1.99 22.38
CA PHE B 232 -17.19 -0.77 21.93
C PHE B 232 -18.05 0.21 21.12
N ALA B 233 -18.06 1.47 21.53
CA ALA B 233 -18.90 2.48 20.93
C ALA B 233 -18.52 2.82 19.51
N SER B 234 -17.25 2.68 19.13
CA SER B 234 -16.91 2.97 17.68
C SER B 234 -15.72 2.11 17.29
N VAL B 235 -15.73 1.65 16.07
CA VAL B 235 -14.62 0.85 15.55
C VAL B 235 -14.35 1.42 14.14
N GLN B 236 -13.13 1.87 13.94
CA GLN B 236 -12.75 2.49 12.67
C GLN B 236 -11.45 1.86 12.18
N TYR B 237 -11.40 1.55 10.88
CA TYR B 237 -10.22 0.86 10.40
C TYR B 237 -9.24 1.84 9.74
N ALA B 238 -7.97 1.75 10.15
CA ALA B 238 -6.87 2.61 9.63
C ALA B 238 -5.96 1.71 8.74
N LEU B 239 -5.58 2.26 7.57
CA LEU B 239 -4.78 1.45 6.55
C LEU B 239 -3.41 2.01 6.51
N MET B 240 -2.42 1.21 6.21
CA MET B 240 -1.09 1.76 6.12
C MET B 240 -0.27 0.98 5.11
N HIS B 241 0.88 1.56 4.75
CA HIS B 241 1.64 1.04 3.59
C HIS B 241 2.80 0.22 4.12
N VAL B 242 2.74 -1.09 3.96
CA VAL B 242 3.77 -2.03 4.45
C VAL B 242 4.13 -3.04 3.35
N PRO B 243 5.25 -2.76 2.70
CA PRO B 243 5.63 -3.60 1.56
C PRO B 243 5.74 -5.05 1.89
N THR B 244 6.15 -5.38 3.13
CA THR B 244 6.47 -6.76 3.43
C THR B 244 5.32 -7.45 4.17
N TYR B 245 4.07 -6.93 4.10
CA TYR B 245 2.89 -7.71 4.44
C TYR B 245 2.18 -8.06 3.11
N PRO B 246 1.53 -9.26 2.99
CA PRO B 246 0.92 -9.73 1.72
C PRO B 246 -0.05 -8.66 1.14
N CYS B 247 0.22 -8.32 -0.11
CA CYS B 247 -0.52 -7.28 -0.85
C CYS B 247 -0.10 -5.83 -0.57
N GLY B 248 0.82 -5.61 0.42
CA GLY B 248 1.42 -4.29 0.65
C GLY B 248 0.69 -3.34 1.51
N SER B 249 -0.41 -3.78 2.09
CA SER B 249 -0.95 -2.97 3.17
C SER B 249 -1.43 -3.75 4.32
N ILE B 250 -1.44 -3.13 5.46
CA ILE B 250 -1.99 -3.78 6.60
C ILE B 250 -2.90 -2.75 7.20
N GLY B 251 -3.94 -3.17 7.87
CA GLY B 251 -4.84 -2.17 8.57
C GLY B 251 -4.86 -2.50 10.03
N THR B 252 -5.51 -1.64 10.78
CA THR B 252 -5.73 -1.83 12.23
C THR B 252 -7.11 -1.37 12.62
N LEU B 253 -7.82 -2.20 13.42
CA LEU B 253 -9.17 -1.75 13.84
C LEU B 253 -8.89 -0.94 15.07
N VAL B 254 -9.25 0.33 15.03
CA VAL B 254 -9.06 1.24 16.21
C VAL B 254 -10.41 1.46 16.84
N CYS B 255 -10.49 1.05 18.09
CA CYS B 255 -11.78 0.84 18.74
C CYS B 255 -11.83 1.65 20.05
N SER B 256 -12.91 2.44 20.19
CA SER B 256 -13.05 3.27 21.37
C SER B 256 -14.11 2.61 22.29
N LYS B 257 -13.79 2.41 23.57
CA LYS B 257 -14.74 1.91 24.52
C LYS B 257 -15.88 2.95 24.72
N LYS B 258 -15.50 4.20 24.95
CA LYS B 258 -16.56 5.21 25.19
C LYS B 258 -17.07 5.76 23.90
N ALA B 259 -18.31 6.25 23.97
CA ALA B 259 -18.86 7.06 22.90
C ALA B 259 -18.30 8.48 23.00
N GLY B 260 -18.51 9.25 21.91
CA GLY B 260 -18.07 10.64 21.81
C GLY B 260 -16.61 10.82 21.46
N VAL B 261 -16.02 9.75 20.99
CA VAL B 261 -14.61 9.69 20.61
C VAL B 261 -14.45 9.52 19.09
N ASP B 262 -13.71 10.43 18.48
CA ASP B 262 -13.39 10.35 17.08
C ASP B 262 -11.95 9.96 16.95
N VAL B 263 -11.71 8.66 16.77
CA VAL B 263 -10.33 8.26 16.71
C VAL B 263 -9.69 8.70 15.40
N THR B 264 -10.49 9.13 14.40
CA THR B 264 -9.92 9.41 13.03
C THR B 264 -9.22 10.74 12.97
N LYS B 265 -9.46 11.63 13.97
CA LYS B 265 -8.78 12.96 14.03
C LYS B 265 -8.00 12.98 15.32
N PRO B 266 -6.68 13.19 15.25
CA PRO B 266 -5.88 13.09 16.50
C PRO B 266 -6.40 13.96 17.61
N LEU B 267 -6.52 13.37 18.79
CA LEU B 267 -7.04 14.17 19.93
C LEU B 267 -5.89 14.90 20.53
N ARG B 268 -4.72 14.24 20.56
CA ARG B 268 -3.48 14.89 21.01
C ARG B 268 -2.42 14.81 19.92
N PRO B 269 -2.36 15.83 19.03
CA PRO B 269 -1.49 15.74 17.92
C PRO B 269 -0.04 15.46 18.24
N VAL B 270 0.58 14.57 17.48
CA VAL B 270 1.97 14.27 17.76
C VAL B 270 2.93 15.53 17.59
N GLU B 271 2.54 16.42 16.70
CA GLU B 271 3.35 17.60 16.40
C GLU B 271 3.54 18.44 17.64
N ASP B 272 2.69 18.29 18.65
CA ASP B 272 2.91 19.00 19.94
C ASP B 272 3.79 18.21 20.97
N MET B 273 4.39 17.10 20.53
CA MET B 273 5.17 16.23 21.35
C MET B 273 6.61 16.32 20.86
N PRO B 274 7.56 16.12 21.75
CA PRO B 274 8.94 16.42 21.44
C PRO B 274 9.62 15.45 20.48
N PHE B 275 8.97 14.31 20.25
CA PHE B 275 9.57 13.25 19.41
C PHE B 275 8.95 13.17 17.98
N ALA B 276 8.04 14.09 17.63
CA ALA B 276 7.38 14.02 16.29
C ALA B 276 8.38 14.01 15.15
N LYS B 277 9.49 14.76 15.33
CA LYS B 277 10.52 14.82 14.27
C LYS B 277 11.36 13.59 14.13
N ASP B 278 11.30 12.66 15.10
CA ASP B 278 12.08 11.46 15.02
C ASP B 278 11.33 10.38 14.24
N LEU B 279 10.06 10.63 13.97
CA LEU B 279 9.28 9.51 13.30
C LEU B 279 9.53 9.51 11.80
N LYS B 280 9.41 8.33 11.18
CA LYS B 280 9.75 8.16 9.80
C LYS B 280 8.51 7.99 8.87
N TYR B 281 7.35 7.70 9.49
CA TYR B 281 6.15 7.53 8.74
C TYR B 281 5.05 8.40 9.28
N TYR B 282 4.69 8.22 10.56
CA TYR B 282 3.53 8.82 11.18
C TYR B 282 3.59 10.32 11.43
N ASP B 283 2.51 10.98 11.18
CA ASP B 283 2.23 12.35 11.64
C ASP B 283 0.74 12.57 11.54
N SER B 284 0.25 13.75 11.90
CA SER B 284 -1.20 13.94 11.97
C SER B 284 -1.94 13.86 10.61
N GLU B 285 -1.28 14.29 9.53
CA GLU B 285 -1.86 14.13 8.22
C GLU B 285 -1.98 12.70 7.84
N MET B 286 -0.91 11.96 8.17
CA MET B 286 -0.95 10.53 7.84
C MET B 286 -1.99 9.84 8.72
N HIS B 287 -2.13 10.24 10.00
CA HIS B 287 -3.18 9.62 10.82
C HIS B 287 -4.60 9.90 10.18
N LYS B 288 -4.87 11.16 9.79
CA LYS B 288 -6.21 11.43 9.17
C LYS B 288 -6.42 10.68 7.89
N ALA B 289 -5.35 10.62 7.10
CA ALA B 289 -5.46 10.00 5.77
C ALA B 289 -5.68 8.48 5.88
N SER B 290 -5.19 7.88 6.97
CA SER B 290 -5.20 6.39 7.05
C SER B 290 -6.61 5.85 7.23
N PHE B 291 -7.53 6.70 7.68
CA PHE B 291 -8.90 6.27 7.82
C PHE B 291 -9.77 6.43 6.58
N ALA B 292 -9.20 7.00 5.52
CA ALA B 292 -9.88 6.92 4.22
C ALA B 292 -9.70 5.56 3.59
N LEU B 293 -10.86 4.91 3.28
CA LEU B 293 -10.77 3.53 2.75
C LEU B 293 -11.25 3.51 1.31
N PRO B 294 -10.65 2.65 0.50
CA PRO B 294 -11.20 2.42 -0.81
C PRO B 294 -12.69 2.03 -0.72
N ARG B 295 -13.45 2.42 -1.74
CA ARG B 295 -14.91 2.13 -1.71
C ARG B 295 -15.26 0.71 -1.34
N PHE B 296 -14.51 -0.26 -1.89
CA PHE B 296 -14.86 -1.66 -1.66
C PHE B 296 -14.70 -2.08 -0.22
N ALA B 297 -13.82 -1.35 0.50
CA ALA B 297 -13.54 -1.70 1.89
C ALA B 297 -14.31 -0.80 2.85
N ARG B 298 -15.17 0.06 2.35
CA ARG B 298 -15.78 1.09 3.22
C ARG B 298 -16.75 0.50 4.26
N HIS B 299 -17.26 -0.72 4.02
CA HIS B 299 -18.24 -1.33 4.95
C HIS B 299 -17.60 -1.86 6.20
N ILE B 300 -16.31 -1.70 6.31
CA ILE B 300 -15.69 -2.14 7.52
C ILE B 300 -16.14 -1.23 8.67
N ASN B 301 -16.21 0.07 8.41
CA ASN B 301 -16.65 1.04 9.44
C ASN B 301 -18.16 1.18 9.57
CA S4M C . -1.64 0.10 -16.43
N S4M C . -2.55 0.65 -17.45
CB S4M C . -0.48 -0.69 -17.08
CG S4M C . 0.49 0.26 -17.84
SD S4M C . 0.19 0.42 -19.60
CE S4M C . 0.42 -1.28 -20.16
C5' S4M C . 1.83 1.11 -20.07
C4' S4M C . 1.99 1.23 -21.60
O4' S4M C . 3.07 2.20 -21.81
C1' S4M C . 3.40 1.97 -23.19
C2' S4M C . 3.63 0.47 -23.20
O2' S4M C . 3.54 -0.07 -24.54
C3' S4M C . 2.47 -0.04 -22.31
O3' S4M C . 1.32 -0.56 -23.00
N9 S4M C . 4.61 2.70 -23.60
C8 S4M C . 5.93 2.42 -23.26
N7 S4M C . 6.77 3.26 -23.84
C5 S4M C . 5.99 4.11 -24.59
C6 S4M C . 6.28 5.15 -25.47
N6 S4M C . 7.55 5.64 -25.74
C4 S4M C . 4.64 3.76 -24.48
N3 S4M C . 3.60 4.37 -25.08
C2 S4M C . 3.96 5.38 -25.86
N1 S4M C . 5.25 5.77 -26.04
N1 1SQ D . 1.40 -3.21 -11.94
C2 1SQ D . 0.84 -1.99 -12.26
N3 1SQ D . -0.34 -1.78 -11.66
C4 1SQ D . -0.89 -0.59 -11.97
C5 1SQ D . -0.34 0.34 -12.81
C6 1SQ D . 0.89 0.07 -13.40
C7 1SQ D . 1.50 0.96 -14.27
C8 1SQ D . 2.71 0.63 -14.83
C9 1SQ D . 3.34 -0.55 -14.54
C10 1SQ D . 2.72 -1.43 -13.68
C11 1SQ D . 1.49 -1.13 -13.13
CA S4M E . 5.35 -6.71 13.88
N S4M E . 5.62 -6.35 15.29
CB S4M E . 5.32 -8.25 13.67
CG S4M E . 4.22 -8.96 14.52
SD S4M E . 4.83 -9.60 16.14
CE S4M E . 6.18 -10.65 15.52
C5' S4M E . 3.56 -10.89 16.42
C4' S4M E . 3.73 -11.63 17.76
O4' S4M E . 2.48 -12.27 18.05
C1' S4M E . 2.82 -13.29 19.00
C2' S4M E . 3.92 -13.97 18.16
O2' S4M E . 4.56 -14.86 19.12
C3' S4M E . 4.72 -12.81 17.58
O3' S4M E . 5.97 -12.54 18.26
N9 S4M E . 1.69 -14.12 19.34
C8 S4M E . 1.06 -15.06 18.54
N7 S4M E . 0.11 -15.61 19.28
C5 S4M E . 0.08 -15.04 20.53
C6 S4M E . -0.68 -15.31 21.66
N6 S4M E . -1.72 -16.26 21.61
C4 S4M E . 1.09 -14.11 20.58
N3 S4M E . 1.31 -13.38 21.70
C2 S4M E . 0.50 -13.69 22.72
N1 S4M E . -0.51 -14.59 22.76
N1 1SQ F . 5.11 -8.21 7.80
C2 1SQ F . 4.56 -7.44 8.84
N3 1SQ F . 4.95 -6.16 8.88
C4 1SQ F . 4.41 -5.40 9.87
C5 1SQ F . 3.54 -5.93 10.80
C6 1SQ F . 3.16 -7.26 10.73
C7 1SQ F . 2.29 -7.80 11.67
C8 1SQ F . 1.91 -9.13 11.62
C9 1SQ F . 2.40 -9.94 10.61
C10 1SQ F . 3.30 -9.39 9.68
C11 1SQ F . 3.70 -8.04 9.73
#